data_3S9S
#
_entry.id   3S9S
#
_cell.length_a   56.086
_cell.length_b   88.754
_cell.length_c   122.605
_cell.angle_alpha   90.00
_cell.angle_beta   90.00
_cell.angle_gamma   90.00
#
_symmetry.space_group_name_H-M   'C 2 2 21'
#
loop_
_entity.id
_entity.type
_entity.pdbx_description
1 polymer 'Peroxisome proliferator-activated receptor gamma'
2 polymer 'Nuclear receptor coactivator 1'
3 non-polymer 1-(3,4-dichlorobenzyl)-2-methyl-N-[(1R)-1-phenylpropyl]-1H-benzimidazole-5-carboxamide
4 water water
#
loop_
_entity_poly.entity_id
_entity_poly.type
_entity_poly.pdbx_seq_one_letter_code
_entity_poly.pdbx_strand_id
1 'polypeptide(L)'
;MKKGHHHHHHGRPESADLRALAKHLYDSYIKSFPLTKAKARAILTGKTTDKSPFVIYDMNSLMMGEDKIKFKHITPLQEQ
SKEVAIRIFQGCQFRSVEAVQEITEYAKSIPGFVNLDLNDQVTLLKYGVHEIIYTMLASLMNKDGVLISEGQGFMTREFL
KSLRKPFGDFMEPKFEFAVKFNALELDDSDLAIFIAVIILSGDRPGLLNVKPIEDIQDNLLQALELQLKLNHPESSQLFA
KLLQKMTDLRQIVTEHVQLLQVIKKTETDMSLHPLLQEIYKDLY
;
A
2 'polypeptide(L)' ERHKILHRLLQEG B
#
loop_
_chem_comp.id
_chem_comp.type
_chem_comp.name
_chem_comp.formula
M0T non-polymer 1-(3,4-dichlorobenzyl)-2-methyl-N-[(1R)-1-phenylpropyl]-1H-benzimidazole-5-carboxamide 'C25 H23 Cl2 N3 O'
#
# COMPACT_ATOMS: atom_id res chain seq x y z
N SER A 15 -5.42 22.47 -17.18
CA SER A 15 -4.18 22.35 -18.01
C SER A 15 -2.92 22.56 -17.16
N ALA A 16 -2.62 23.81 -16.87
CA ALA A 16 -1.50 24.16 -15.98
C ALA A 16 -1.88 24.01 -14.52
N ASP A 17 -3.19 23.90 -14.27
CA ASP A 17 -3.72 23.64 -12.94
C ASP A 17 -3.40 22.21 -12.58
N LEU A 18 -3.72 21.31 -13.51
CA LEU A 18 -3.54 19.87 -13.34
C LEU A 18 -2.05 19.51 -13.28
N ARG A 19 -1.20 20.36 -13.83
CA ARG A 19 0.24 20.16 -13.72
C ARG A 19 0.73 20.59 -12.34
N ALA A 20 0.25 21.75 -11.88
CA ALA A 20 0.59 22.26 -10.56
C ALA A 20 0.11 21.34 -9.44
N LEU A 21 -0.98 20.62 -9.71
CA LEU A 21 -1.50 19.63 -8.76
C LEU A 21 -0.69 18.33 -8.79
N ALA A 22 -0.13 18.01 -9.95
CA ALA A 22 0.70 16.83 -10.10
C ALA A 22 2.00 16.98 -9.29
N LYS A 23 2.63 18.14 -9.43
CA LYS A 23 3.89 18.43 -8.74
C LYS A 23 3.66 18.60 -7.23
N HIS A 24 2.44 18.99 -6.86
CA HIS A 24 2.08 19.15 -5.45
C HIS A 24 2.02 17.81 -4.77
N LEU A 25 1.36 16.84 -5.41
CA LEU A 25 1.19 15.51 -4.86
C LEU A 25 2.51 14.74 -4.88
N TYR A 26 3.32 14.99 -5.90
CA TYR A 26 4.61 14.33 -6.01
C TYR A 26 5.52 14.75 -4.84
N ASP A 27 5.53 16.04 -4.54
CA ASP A 27 6.30 16.57 -3.41
C ASP A 27 5.78 16.13 -2.03
N SER A 28 4.46 15.97 -1.92
CA SER A 28 3.85 15.47 -0.68
C SER A 28 4.23 14.03 -0.50
N TYR A 29 4.10 13.28 -1.60
CA TYR A 29 4.45 11.86 -1.66
C TYR A 29 5.87 11.69 -1.16
N ILE A 30 6.80 12.46 -1.72
CA ILE A 30 8.21 12.41 -1.31
C ILE A 30 8.39 12.73 0.19
N LYS A 31 7.74 13.78 0.69
CA LYS A 31 7.81 14.12 2.11
C LYS A 31 7.17 13.05 3.02
N SER A 32 6.20 12.31 2.49
CA SER A 32 5.40 11.40 3.32
C SER A 32 5.91 9.96 3.33
N PHE A 33 6.46 9.52 2.20
CA PHE A 33 6.95 8.15 2.11
C PHE A 33 8.47 8.11 1.95
N PRO A 34 9.18 7.47 2.90
CA PRO A 34 10.65 7.49 2.91
C PRO A 34 11.27 6.51 1.91
N LEU A 35 10.57 5.44 1.54
CA LEU A 35 11.08 4.54 0.51
C LEU A 35 10.16 4.61 -0.71
N THR A 36 10.74 5.13 -1.79
CA THR A 36 10.02 5.45 -3.00
C THR A 36 10.36 4.41 -4.06
N LYS A 37 9.52 4.29 -5.08
CA LYS A 37 9.83 3.38 -6.19
C LYS A 37 11.22 3.63 -6.76
N ALA A 38 11.56 4.90 -7.00
CA ALA A 38 12.93 5.28 -7.42
C ALA A 38 14.01 4.57 -6.60
N LYS A 39 13.92 4.63 -5.27
CA LYS A 39 14.94 4.05 -4.37
C LYS A 39 14.91 2.52 -4.37
N ALA A 40 13.70 1.96 -4.27
CA ALA A 40 13.49 0.52 -4.29
C ALA A 40 14.06 -0.09 -5.57
N ARG A 41 13.78 0.53 -6.72
CA ARG A 41 14.26 0.04 -8.02
C ARG A 41 15.77 0.10 -8.11
N ALA A 42 16.36 1.17 -7.57
CA ALA A 42 17.81 1.28 -7.57
C ALA A 42 18.39 0.06 -6.85
N ILE A 43 17.85 -0.24 -5.67
CA ILE A 43 18.29 -1.39 -4.88
C ILE A 43 18.09 -2.71 -5.64
N LEU A 44 16.90 -2.92 -6.20
CA LEU A 44 16.57 -4.17 -6.88
C LEU A 44 17.37 -4.41 -8.17
N THR A 45 18.08 -3.37 -8.64
CA THR A 45 18.88 -3.45 -9.87
C THR A 45 20.31 -2.94 -9.66
N GLY A 46 20.83 -3.11 -8.44
CA GLY A 46 22.13 -2.57 -8.06
C GLY A 46 23.26 -3.53 -8.32
N LYS A 51 27.00 -3.19 0.01
CA LYS A 51 25.79 -2.64 0.61
C LYS A 51 24.49 -3.25 0.07
N SER A 52 24.57 -4.44 -0.51
CA SER A 52 23.39 -5.19 -0.92
C SER A 52 22.48 -5.59 0.25
N PRO A 53 21.17 -5.72 -0.01
CA PRO A 53 20.25 -6.22 1.00
C PRO A 53 20.63 -7.60 1.48
N PHE A 54 20.43 -7.83 2.78
CA PHE A 54 20.46 -9.19 3.27
C PHE A 54 19.28 -10.00 2.71
N VAL A 55 19.61 -11.15 2.13
CA VAL A 55 18.64 -12.06 1.49
C VAL A 55 18.18 -13.19 2.44
N ILE A 56 16.86 -13.29 2.60
CA ILE A 56 16.24 -14.34 3.41
C ILE A 56 15.54 -15.22 2.42
N TYR A 57 16.00 -16.46 2.34
CA TYR A 57 15.56 -17.39 1.34
C TYR A 57 15.19 -18.73 1.97
N ASP A 58 15.51 -18.91 3.25
CA ASP A 58 15.17 -20.15 3.94
C ASP A 58 15.14 -19.98 5.45
N MET A 59 14.90 -21.05 6.20
CA MET A 59 14.79 -20.97 7.65
C MET A 59 16.06 -20.39 8.27
N ASN A 60 17.21 -20.93 7.87
CA ASN A 60 18.47 -20.49 8.45
C ASN A 60 18.87 -19.07 8.09
N SER A 61 18.47 -18.60 6.91
CA SER A 61 18.76 -17.22 6.53
C SER A 61 17.79 -16.25 7.18
N LEU A 62 16.59 -16.74 7.51
CA LEU A 62 15.67 -15.95 8.34
C LEU A 62 16.26 -15.71 9.74
N MET A 63 16.84 -16.75 10.33
CA MET A 63 17.47 -16.70 11.64
C MET A 63 18.67 -15.74 11.63
N MET A 64 19.55 -15.90 10.63
CA MET A 64 20.70 -15.02 10.45
C MET A 64 20.29 -13.55 10.27
N GLY A 65 19.17 -13.32 9.61
CA GLY A 65 18.75 -11.96 9.26
C GLY A 65 17.57 -11.40 10.04
N GLU A 66 17.14 -12.09 11.08
CA GLU A 66 15.99 -11.63 11.88
C GLU A 66 16.05 -10.15 12.30
N ASP A 67 17.23 -9.65 12.63
CA ASP A 67 17.39 -8.26 13.06
C ASP A 67 17.11 -7.23 11.96
N LYS A 68 17.15 -7.68 10.70
CA LYS A 68 16.77 -6.81 9.58
C LYS A 68 15.31 -6.44 9.70
N ILE A 69 14.48 -7.43 10.03
CA ILE A 69 13.06 -7.23 10.27
C ILE A 69 12.79 -6.26 11.45
N LYS A 70 12.39 -5.03 11.12
CA LYS A 70 12.00 -4.01 12.11
C LYS A 70 10.84 -4.51 12.98
N PHE A 71 11.09 -4.56 14.28
CA PHE A 71 10.10 -5.00 15.26
C PHE A 71 10.46 -4.44 16.64
N LYS A 72 9.52 -3.70 17.23
CA LYS A 72 9.67 -3.19 18.58
C LYS A 72 8.56 -3.76 19.45
N HIS A 73 8.96 -4.37 20.56
CA HIS A 73 8.04 -4.99 21.52
C HIS A 73 8.68 -5.24 22.90
N ILE A 74 7.99 -6.03 23.72
CA ILE A 74 8.47 -6.41 25.04
C ILE A 74 9.67 -7.35 24.92
N THR A 75 9.58 -8.27 23.97
CA THR A 75 10.64 -9.25 23.71
C THR A 75 10.96 -9.31 22.22
N LYS A 82 5.54 -17.20 18.06
CA LYS A 82 6.93 -17.64 18.21
C LYS A 82 7.28 -18.68 17.15
N GLU A 83 6.34 -18.96 16.25
CA GLU A 83 6.61 -19.79 15.07
C GLU A 83 7.06 -18.90 13.92
N VAL A 84 7.94 -19.42 13.08
CA VAL A 84 8.53 -18.65 11.96
C VAL A 84 7.54 -17.80 11.14
N ALA A 85 6.42 -18.41 10.74
CA ALA A 85 5.38 -17.73 9.98
C ALA A 85 4.67 -16.61 10.76
N ILE A 86 4.50 -16.82 12.06
CA ILE A 86 3.88 -15.82 12.94
C ILE A 86 4.78 -14.59 13.02
N ARG A 87 6.09 -14.79 13.01
CA ARG A 87 7.04 -13.68 13.11
C ARG A 87 7.08 -12.82 11.86
N ILE A 88 7.04 -13.48 10.69
CA ILE A 88 6.85 -12.78 9.43
C ILE A 88 5.53 -12.02 9.42
N PHE A 89 4.45 -12.70 9.81
CA PHE A 89 3.12 -12.12 9.91
C PHE A 89 3.12 -10.90 10.82
N GLN A 90 3.74 -11.03 11.98
CA GLN A 90 3.90 -9.92 12.91
C GLN A 90 4.70 -8.79 12.29
N GLY A 91 5.75 -9.15 11.56
CA GLY A 91 6.62 -8.17 10.91
C GLY A 91 5.82 -7.31 9.95
N CYS A 92 5.07 -7.97 9.05
CA CYS A 92 4.24 -7.29 8.05
C CYS A 92 3.20 -6.41 8.71
N GLN A 93 2.64 -6.93 9.79
CA GLN A 93 1.70 -6.20 10.62
C GLN A 93 2.39 -4.96 11.18
N PHE A 94 3.61 -5.14 11.66
CA PHE A 94 4.30 -4.03 12.31
C PHE A 94 4.48 -2.89 11.35
N ARG A 95 4.92 -3.22 10.14
CA ARG A 95 5.19 -2.24 9.12
C ARG A 95 3.91 -1.64 8.54
N SER A 96 2.82 -2.40 8.50
CA SER A 96 1.57 -1.85 7.96
C SER A 96 1.07 -0.69 8.83
N VAL A 97 1.20 -0.85 10.15
CA VAL A 97 0.81 0.22 11.07
C VAL A 97 1.48 1.52 10.64
N GLU A 98 2.74 1.42 10.23
CA GLU A 98 3.52 2.59 9.84
C GLU A 98 3.16 3.14 8.47
N ALA A 99 2.78 2.25 7.55
CA ALA A 99 2.29 2.64 6.23
C ALA A 99 1.00 3.44 6.37
N VAL A 100 0.09 2.95 7.22
CA VAL A 100 -1.13 3.68 7.55
C VAL A 100 -0.80 5.11 7.97
N GLN A 101 0.14 5.26 8.90
CA GLN A 101 0.57 6.58 9.38
C GLN A 101 1.07 7.47 8.24
N GLU A 102 1.89 6.88 7.38
CA GLU A 102 2.41 7.59 6.21
C GLU A 102 1.29 8.05 5.28
N ILE A 103 0.41 7.13 4.89
CA ILE A 103 -0.71 7.43 3.99
C ILE A 103 -1.61 8.54 4.51
N THR A 104 -1.81 8.55 5.83
CA THR A 104 -2.65 9.55 6.50
C THR A 104 -2.08 10.97 6.35
N GLU A 105 -0.78 11.12 6.59
CA GLU A 105 -0.13 12.41 6.43
C GLU A 105 -0.22 12.86 4.98
N TYR A 106 -0.10 11.91 4.07
CA TYR A 106 -0.25 12.17 2.64
C TYR A 106 -1.66 12.66 2.27
N ALA A 107 -2.69 11.93 2.69
CA ALA A 107 -4.07 12.36 2.43
C ALA A 107 -4.29 13.80 2.90
N LYS A 108 -3.81 14.10 4.11
CA LYS A 108 -3.92 15.44 4.69
C LYS A 108 -3.31 16.53 3.78
N SER A 109 -2.73 16.10 2.67
CA SER A 109 -2.04 17.02 1.77
C SER A 109 -2.76 17.21 0.44
N ILE A 110 -3.69 16.30 0.14
CA ILE A 110 -4.48 16.36 -1.09
C ILE A 110 -5.50 17.49 -0.91
N PRO A 111 -5.39 18.55 -1.74
CA PRO A 111 -6.20 19.75 -1.53
C PRO A 111 -7.67 19.42 -1.30
N GLY A 112 -8.23 19.95 -0.21
CA GLY A 112 -9.64 19.75 0.11
C GLY A 112 -9.97 18.52 0.92
N PHE A 113 -9.02 17.59 1.07
CA PHE A 113 -9.25 16.40 1.91
C PHE A 113 -9.55 16.80 3.35
N VAL A 114 -8.73 17.70 3.91
CA VAL A 114 -8.88 18.17 5.29
C VAL A 114 -10.17 18.96 5.51
N ASN A 115 -10.75 19.48 4.43
CA ASN A 115 -11.97 20.29 4.50
C ASN A 115 -13.26 19.48 4.46
N LEU A 116 -13.15 18.21 4.12
CA LEU A 116 -14.28 17.28 4.18
C LEU A 116 -14.69 17.12 5.63
N ASP A 117 -15.90 16.60 5.86
CA ASP A 117 -16.33 16.24 7.21
C ASP A 117 -15.40 15.14 7.72
N LEU A 118 -15.06 15.23 9.00
CA LEU A 118 -13.99 14.42 9.63
C LEU A 118 -14.37 12.94 9.87
N ASN A 119 -15.63 12.58 9.59
CA ASN A 119 -16.07 11.19 9.62
C ASN A 119 -15.89 10.49 8.27
N ASP A 120 -15.98 11.26 7.18
CA ASP A 120 -15.76 10.75 5.82
C ASP A 120 -14.29 10.49 5.58
N GLN A 121 -13.47 11.48 5.94
CA GLN A 121 -12.01 11.35 5.97
C GLN A 121 -11.58 10.01 6.57
N VAL A 122 -12.18 9.64 7.69
CA VAL A 122 -11.86 8.37 8.37
C VAL A 122 -12.28 7.17 7.52
N THR A 123 -13.42 7.26 6.84
CA THR A 123 -13.90 6.16 6.01
C THR A 123 -13.06 5.97 4.74
N LEU A 124 -12.69 7.09 4.11
CA LEU A 124 -11.85 7.07 2.92
C LEU A 124 -10.54 6.39 3.23
N LEU A 125 -9.90 6.81 4.33
CA LEU A 125 -8.66 6.20 4.78
C LEU A 125 -8.92 4.75 5.20
N LYS A 126 -10.03 4.48 5.86
CA LYS A 126 -10.36 3.11 6.28
C LYS A 126 -10.28 2.10 5.14
N TYR A 127 -10.98 2.37 4.03
CA TYR A 127 -11.03 1.47 2.88
C TYR A 127 -9.91 1.74 1.89
N GLY A 128 -9.35 2.94 1.95
CA GLY A 128 -8.26 3.36 1.07
C GLY A 128 -6.93 2.66 1.30
N VAL A 129 -6.58 2.42 2.57
CA VAL A 129 -5.21 2.03 2.92
C VAL A 129 -4.72 0.69 2.37
N HIS A 130 -5.57 -0.31 2.34
CA HIS A 130 -5.17 -1.62 1.80
C HIS A 130 -4.82 -1.52 0.33
N GLU A 131 -5.69 -0.85 -0.43
CA GLU A 131 -5.47 -0.61 -1.85
C GLU A 131 -4.13 0.11 -2.10
N ILE A 132 -3.88 1.18 -1.34
CA ILE A 132 -2.61 1.94 -1.39
C ILE A 132 -1.41 1.12 -0.93
N ILE A 133 -1.57 0.39 0.16
CA ILE A 133 -0.46 -0.41 0.69
C ILE A 133 0.03 -1.43 -0.35
N TYR A 134 -0.91 -1.97 -1.13
CA TYR A 134 -0.59 -3.03 -2.08
C TYR A 134 -0.10 -2.48 -3.41
N THR A 135 -0.48 -1.25 -3.69
CA THR A 135 0.00 -0.54 -4.87
C THR A 135 1.46 -0.17 -4.65
N MET A 136 1.75 0.43 -3.51
CA MET A 136 3.11 0.81 -3.19
C MET A 136 4.00 -0.43 -2.93
N LEU A 137 3.46 -1.46 -2.26
CA LEU A 137 4.18 -2.73 -2.10
C LEU A 137 4.79 -3.28 -3.41
N ALA A 138 4.05 -3.12 -4.51
CA ALA A 138 4.55 -3.48 -5.84
C ALA A 138 5.92 -2.84 -6.09
N SER A 139 6.10 -1.59 -5.67
CA SER A 139 7.38 -0.91 -5.84
C SER A 139 8.56 -1.66 -5.28
N LEU A 140 8.34 -2.50 -4.29
CA LEU A 140 9.41 -3.18 -3.55
C LEU A 140 9.56 -4.61 -4.01
N MET A 141 8.73 -4.98 -4.98
CA MET A 141 8.67 -6.35 -5.46
C MET A 141 9.26 -6.51 -6.84
N ASN A 142 9.85 -7.67 -7.07
CA ASN A 142 10.06 -8.19 -8.42
C ASN A 142 9.58 -9.62 -8.39
N LYS A 143 9.71 -10.34 -9.49
CA LYS A 143 9.06 -11.65 -9.61
C LYS A 143 9.56 -12.67 -8.57
N ASP A 144 10.73 -12.40 -7.99
CA ASP A 144 11.43 -13.32 -7.11
C ASP A 144 11.35 -12.99 -5.60
N GLY A 145 11.05 -11.73 -5.25
CA GLY A 145 10.92 -11.36 -3.85
C GLY A 145 10.60 -9.91 -3.53
N VAL A 146 10.56 -9.59 -2.24
CA VAL A 146 10.14 -8.26 -1.79
C VAL A 146 11.19 -7.66 -0.85
N LEU A 147 11.49 -6.37 -1.05
CA LEU A 147 12.33 -5.64 -0.11
C LEU A 147 11.69 -5.56 1.26
N ILE A 148 12.50 -5.69 2.30
CA ILE A 148 11.98 -5.53 3.65
C ILE A 148 12.91 -4.56 4.36
N SER A 149 12.43 -3.94 5.43
CA SER A 149 13.32 -3.13 6.28
C SER A 149 13.94 -1.94 5.52
N GLU A 150 13.11 -1.14 4.85
CA GLU A 150 13.59 -0.01 4.02
C GLU A 150 14.76 -0.44 3.16
N GLY A 151 14.57 -1.53 2.42
CA GLY A 151 15.59 -1.99 1.48
C GLY A 151 16.79 -2.67 2.09
N GLN A 152 16.81 -2.84 3.41
CA GLN A 152 17.93 -3.48 4.07
C GLN A 152 17.90 -5.02 3.90
N GLY A 153 16.73 -5.53 3.53
CA GLY A 153 16.51 -6.94 3.41
C GLY A 153 15.76 -7.27 2.14
N PHE A 154 15.88 -8.51 1.71
CA PHE A 154 15.15 -9.02 0.56
C PHE A 154 14.71 -10.41 0.95
N MET A 155 13.40 -10.63 0.96
CA MET A 155 12.84 -11.93 1.29
C MET A 155 12.25 -12.47 0.01
N THR A 156 12.57 -13.74 -0.28
CA THR A 156 12.23 -14.29 -1.59
C THR A 156 10.79 -14.75 -1.61
N ARG A 157 10.19 -14.67 -2.80
CA ARG A 157 8.84 -15.13 -3.08
C ARG A 157 8.72 -16.61 -2.75
N GLU A 158 9.70 -17.39 -3.18
CA GLU A 158 9.75 -18.84 -2.90
C GLU A 158 9.76 -19.15 -1.41
N PHE A 159 10.51 -18.38 -0.61
CA PHE A 159 10.56 -18.64 0.83
C PHE A 159 9.19 -18.49 1.47
N LEU A 160 8.52 -17.37 1.18
CA LEU A 160 7.15 -17.12 1.66
C LEU A 160 6.16 -18.22 1.24
N LYS A 161 6.27 -18.66 -0.01
CA LYS A 161 5.44 -19.72 -0.56
C LYS A 161 5.56 -21.03 0.26
N SER A 162 6.69 -21.22 0.94
CA SER A 162 6.99 -22.48 1.60
C SER A 162 6.42 -22.56 3.02
N LEU A 163 6.10 -21.40 3.59
CA LEU A 163 5.53 -21.31 4.93
C LEU A 163 4.25 -22.13 5.04
N ARG A 164 4.11 -22.87 6.15
CA ARG A 164 2.95 -23.77 6.33
C ARG A 164 1.61 -23.04 6.24
N LYS A 165 0.56 -23.77 5.86
CA LYS A 165 -0.80 -23.21 5.74
C LYS A 165 -1.28 -22.59 7.06
N PRO A 166 -1.99 -21.44 6.98
CA PRO A 166 -2.38 -20.71 5.78
C PRO A 166 -1.46 -19.53 5.45
N PHE A 167 -0.22 -19.56 5.93
CA PHE A 167 0.68 -18.43 5.70
C PHE A 167 1.45 -18.55 4.36
N GLY A 168 1.39 -19.72 3.73
CA GLY A 168 2.05 -19.95 2.45
C GLY A 168 1.46 -19.13 1.33
N ASP A 169 0.19 -18.78 1.46
CA ASP A 169 -0.49 -17.98 0.45
C ASP A 169 -0.86 -16.59 0.95
N PHE A 170 -0.19 -16.15 2.02
CA PHE A 170 -0.37 -14.81 2.51
C PHE A 170 0.14 -13.78 1.49
N MET A 171 1.37 -13.98 1.00
CA MET A 171 2.01 -13.01 0.11
C MET A 171 1.82 -13.28 -1.38
N GLU A 172 1.54 -14.53 -1.74
CA GLU A 172 1.56 -14.94 -3.15
C GLU A 172 0.67 -14.05 -4.06
N PRO A 173 -0.62 -13.85 -3.69
CA PRO A 173 -1.52 -12.97 -4.45
C PRO A 173 -0.96 -11.57 -4.66
N LYS A 174 -0.26 -11.04 -3.64
CA LYS A 174 0.39 -9.75 -3.70
C LYS A 174 1.51 -9.73 -4.74
N PHE A 175 2.23 -10.84 -4.86
CA PHE A 175 3.30 -10.94 -5.84
C PHE A 175 2.71 -11.05 -7.23
N GLU A 176 1.59 -11.79 -7.33
CA GLU A 176 0.86 -11.96 -8.59
C GLU A 176 0.39 -10.62 -9.15
N PHE A 177 -0.20 -9.80 -8.28
CA PHE A 177 -0.60 -8.44 -8.64
C PHE A 177 0.61 -7.58 -9.00
N ALA A 178 1.60 -7.53 -8.11
CA ALA A 178 2.78 -6.69 -8.32
C ALA A 178 3.36 -6.84 -9.72
N VAL A 179 3.65 -8.08 -10.11
CA VAL A 179 4.23 -8.36 -11.44
C VAL A 179 3.40 -7.75 -12.57
N LYS A 180 2.08 -7.89 -12.48
CA LYS A 180 1.16 -7.31 -13.46
C LYS A 180 1.24 -5.78 -13.41
N PHE A 181 1.20 -5.25 -12.20
CA PHE A 181 1.21 -3.81 -12.00
C PHE A 181 2.54 -3.15 -12.36
N ASN A 182 3.64 -3.82 -12.06
CA ASN A 182 4.96 -3.30 -12.35
C ASN A 182 5.22 -3.22 -13.83
N ALA A 183 4.62 -4.13 -14.59
CA ALA A 183 4.78 -4.12 -16.03
C ALA A 183 4.27 -2.80 -16.66
N LEU A 184 3.46 -2.05 -15.91
CA LEU A 184 3.00 -0.72 -16.37
C LEU A 184 4.12 0.34 -16.31
N GLU A 185 5.17 0.06 -15.54
CA GLU A 185 6.39 0.88 -15.49
C GLU A 185 6.06 2.29 -15.00
N LEU A 186 5.19 2.36 -14.01
CA LEU A 186 4.83 3.65 -13.44
C LEU A 186 5.97 4.13 -12.58
N ASP A 187 6.16 5.44 -12.53
CA ASP A 187 7.13 6.01 -11.61
C ASP A 187 6.44 6.80 -10.48
N ASP A 188 7.23 7.34 -9.55
CA ASP A 188 6.69 8.04 -8.38
C ASP A 188 5.79 9.25 -8.68
N SER A 189 6.09 10.00 -9.74
CA SER A 189 5.25 11.15 -10.09
C SER A 189 3.89 10.72 -10.62
N ASP A 190 3.79 9.45 -11.07
CA ASP A 190 2.55 8.82 -11.52
C ASP A 190 1.77 8.23 -10.33
N LEU A 191 2.46 7.49 -9.47
CA LEU A 191 1.78 6.84 -8.36
C LEU A 191 1.23 7.87 -7.36
N ALA A 192 1.88 9.03 -7.32
CA ALA A 192 1.45 10.10 -6.42
C ALA A 192 -0.01 10.45 -6.66
N ILE A 193 -0.40 10.60 -7.93
CA ILE A 193 -1.79 10.94 -8.28
C ILE A 193 -2.70 9.71 -8.22
N PHE A 194 -2.23 8.59 -8.74
CA PHE A 194 -3.00 7.34 -8.69
C PHE A 194 -3.45 7.03 -7.27
N ILE A 195 -2.54 7.27 -6.32
CA ILE A 195 -2.79 6.97 -4.93
C ILE A 195 -3.83 7.95 -4.37
N ALA A 196 -3.77 9.18 -4.84
CA ALA A 196 -4.68 10.22 -4.36
C ALA A 196 -6.09 9.97 -4.89
N VAL A 197 -6.17 9.39 -6.08
CA VAL A 197 -7.42 8.98 -6.68
C VAL A 197 -8.08 7.91 -5.83
N ILE A 198 -7.31 6.91 -5.42
CA ILE A 198 -7.85 5.80 -4.66
C ILE A 198 -8.48 6.28 -3.34
N ILE A 199 -7.81 7.21 -2.66
CA ILE A 199 -8.28 7.71 -1.36
C ILE A 199 -9.63 8.40 -1.52
N LEU A 200 -9.70 9.31 -2.48
CA LEU A 200 -10.91 10.04 -2.79
C LEU A 200 -11.94 9.19 -3.57
N SER A 201 -12.06 7.91 -3.23
CA SER A 201 -13.01 7.00 -3.90
C SER A 201 -14.44 7.26 -3.43
N GLY A 202 -15.36 7.42 -4.39
CA GLY A 202 -16.73 7.86 -4.09
C GLY A 202 -17.72 6.81 -3.62
N ASP A 203 -17.40 5.54 -3.83
CA ASP A 203 -18.31 4.43 -3.52
C ASP A 203 -17.98 3.67 -2.24
N ARG A 204 -17.22 4.30 -1.35
CA ARG A 204 -16.91 3.68 -0.05
C ARG A 204 -18.18 3.59 0.78
N PRO A 205 -18.51 2.36 1.26
CA PRO A 205 -19.74 2.16 2.03
C PRO A 205 -19.81 2.99 3.35
N GLY A 206 -20.93 3.74 3.52
CA GLY A 206 -21.23 4.54 4.71
C GLY A 206 -20.84 6.02 4.64
N LEU A 207 -20.42 6.48 3.40
CA LEU A 207 -20.04 7.89 3.18
C LEU A 207 -21.26 8.81 3.31
N LEU A 208 -21.06 9.92 4.03
CA LEU A 208 -22.16 10.85 4.30
C LEU A 208 -22.41 11.75 3.09
N ASN A 209 -21.52 12.71 2.87
CA ASN A 209 -21.64 13.64 1.75
C ASN A 209 -20.75 13.20 0.58
N VAL A 210 -21.34 12.46 -0.36
CA VAL A 210 -20.63 11.80 -1.47
C VAL A 210 -20.17 12.79 -2.56
N LYS A 211 -20.97 13.83 -2.82
CA LYS A 211 -20.69 14.79 -3.89
C LYS A 211 -19.28 15.41 -3.87
N PRO A 212 -18.86 16.04 -2.74
CA PRO A 212 -17.56 16.73 -2.72
C PRO A 212 -16.35 15.82 -2.96
N ILE A 213 -16.45 14.57 -2.51
CA ILE A 213 -15.37 13.59 -2.70
C ILE A 213 -15.17 13.29 -4.20
N GLU A 214 -16.27 13.07 -4.91
CA GLU A 214 -16.24 12.72 -6.33
C GLU A 214 -15.80 13.89 -7.20
N ASP A 215 -16.08 15.12 -6.76
CA ASP A 215 -15.62 16.35 -7.42
C ASP A 215 -14.10 16.38 -7.51
N ILE A 216 -13.45 16.12 -6.37
CA ILE A 216 -11.99 16.07 -6.27
C ILE A 216 -11.45 14.84 -7.02
N GLN A 217 -12.10 13.69 -6.85
CA GLN A 217 -11.68 12.47 -7.56
C GLN A 217 -11.75 12.66 -9.08
N ASP A 218 -12.84 13.27 -9.57
CA ASP A 218 -12.95 13.64 -10.98
C ASP A 218 -11.77 14.54 -11.38
N ASN A 219 -11.46 15.51 -10.52
CA ASN A 219 -10.35 16.43 -10.75
C ASN A 219 -8.95 15.77 -10.65
N LEU A 220 -8.86 14.66 -9.93
CA LEU A 220 -7.60 13.91 -9.82
C LEU A 220 -7.44 12.89 -10.95
N LEU A 221 -8.57 12.35 -11.41
CA LEU A 221 -8.57 11.39 -12.50
C LEU A 221 -8.19 12.04 -13.84
N GLN A 222 -8.52 13.31 -14.00
CA GLN A 222 -8.13 14.07 -15.17
C GLN A 222 -6.66 14.45 -15.07
N ALA A 223 -6.20 14.78 -13.86
CA ALA A 223 -4.78 15.05 -13.62
C ALA A 223 -3.93 13.82 -13.89
N LEU A 224 -4.36 12.66 -13.41
CA LEU A 224 -3.71 11.39 -13.72
C LEU A 224 -3.60 11.17 -15.23
N GLU A 225 -4.70 11.43 -15.94
CA GLU A 225 -4.78 11.22 -17.37
C GLU A 225 -3.72 12.03 -18.14
N LEU A 226 -3.58 13.31 -17.78
CA LEU A 226 -2.58 14.17 -18.40
C LEU A 226 -1.16 13.72 -18.05
N GLN A 227 -0.97 13.33 -16.78
CA GLN A 227 0.31 12.90 -16.26
C GLN A 227 0.82 11.67 -17.01
N LEU A 228 -0.10 10.76 -17.36
CA LEU A 228 0.26 9.59 -18.14
C LEU A 228 0.43 9.90 -19.63
N LYS A 229 -0.15 11.01 -20.09
CA LYS A 229 -0.06 11.37 -21.50
C LYS A 229 1.30 11.99 -21.83
N LEU A 230 1.86 12.72 -20.86
CA LEU A 230 3.14 13.41 -21.02
C LEU A 230 4.32 12.52 -20.65
N ASN A 231 4.21 11.87 -19.49
CA ASN A 231 5.29 11.06 -18.94
C ASN A 231 5.48 9.74 -19.68
N HIS A 232 4.41 9.21 -20.26
CA HIS A 232 4.48 7.99 -21.05
C HIS A 232 3.75 8.17 -22.41
N PRO A 233 4.34 8.92 -23.35
CA PRO A 233 3.65 9.18 -24.61
C PRO A 233 3.59 7.98 -25.57
N GLU A 234 4.44 6.97 -25.35
CA GLU A 234 4.46 5.79 -26.20
C GLU A 234 3.45 4.70 -25.82
N SER A 235 3.43 4.31 -24.55
CA SER A 235 2.51 3.26 -24.09
C SER A 235 1.06 3.71 -24.19
N SER A 236 0.37 3.23 -25.23
CA SER A 236 -1.04 3.55 -25.44
C SER A 236 -1.94 2.82 -24.45
N GLN A 237 -3.09 3.42 -24.18
CA GLN A 237 -4.11 2.86 -23.29
C GLN A 237 -3.58 2.47 -21.91
N LEU A 238 -2.65 3.27 -21.39
CA LEU A 238 -2.12 3.06 -20.04
C LEU A 238 -3.13 3.50 -18.98
N PHE A 239 -3.69 4.69 -19.15
CA PHE A 239 -4.74 5.20 -18.30
C PHE A 239 -5.84 4.14 -18.16
N ALA A 240 -6.27 3.61 -19.30
CA ALA A 240 -7.21 2.49 -19.36
C ALA A 240 -6.73 1.31 -18.54
N LYS A 241 -5.53 0.84 -18.86
CA LYS A 241 -4.92 -0.26 -18.12
C LYS A 241 -4.78 0.04 -16.63
N LEU A 242 -4.57 1.32 -16.30
CA LEU A 242 -4.33 1.72 -14.91
C LEU A 242 -5.58 1.73 -14.04
N LEU A 243 -6.71 2.15 -14.62
CA LEU A 243 -8.00 2.08 -13.91
C LEU A 243 -8.49 0.65 -13.74
N GLN A 244 -8.14 -0.22 -14.69
CA GLN A 244 -8.49 -1.64 -14.60
C GLN A 244 -7.83 -2.30 -13.41
N LYS A 245 -6.54 -1.99 -13.21
CA LYS A 245 -5.77 -2.51 -12.08
C LYS A 245 -6.47 -2.16 -10.77
N MET A 246 -6.98 -0.94 -10.70
CA MET A 246 -7.64 -0.41 -9.51
C MET A 246 -8.88 -1.22 -9.10
N THR A 247 -9.33 -2.08 -10.00
CA THR A 247 -10.41 -3.01 -9.73
C THR A 247 -9.87 -4.31 -9.12
N ASP A 248 -8.66 -4.71 -9.52
CA ASP A 248 -8.02 -5.91 -8.97
C ASP A 248 -7.52 -5.71 -7.54
N LEU A 249 -7.03 -4.51 -7.26
CA LEU A 249 -6.63 -4.14 -5.90
C LEU A 249 -7.72 -4.51 -4.90
N ARG A 250 -8.96 -4.23 -5.26
CA ARG A 250 -10.10 -4.53 -4.42
C ARG A 250 -10.31 -6.04 -4.27
N GLN A 251 -10.02 -6.79 -5.34
CA GLN A 251 -10.09 -8.25 -5.31
C GLN A 251 -9.03 -8.82 -4.37
N ILE A 252 -7.85 -8.21 -4.40
CA ILE A 252 -6.73 -8.64 -3.59
C ILE A 252 -7.01 -8.39 -2.11
N VAL A 253 -7.66 -7.25 -1.81
CA VAL A 253 -8.08 -6.92 -0.46
C VAL A 253 -9.12 -7.95 0.01
N THR A 254 -10.07 -8.27 -0.87
CA THR A 254 -11.14 -9.21 -0.55
C THR A 254 -10.54 -10.56 -0.14
N GLU A 255 -9.63 -11.08 -0.96
CA GLU A 255 -8.95 -12.33 -0.68
C GLU A 255 -8.22 -12.25 0.65
N HIS A 256 -7.50 -11.15 0.86
CA HIS A 256 -6.75 -10.89 2.07
C HIS A 256 -7.61 -10.98 3.35
N VAL A 257 -8.69 -10.21 3.37
CA VAL A 257 -9.65 -10.17 4.46
C VAL A 257 -10.22 -11.56 4.70
N GLN A 258 -10.53 -12.26 3.61
CA GLN A 258 -11.06 -13.63 3.71
C GLN A 258 -10.02 -14.57 4.33
N LEU A 259 -8.76 -14.39 3.95
CA LEU A 259 -7.69 -15.19 4.51
C LEU A 259 -7.42 -14.87 5.97
N LEU A 260 -7.58 -13.60 6.35
CA LEU A 260 -7.46 -13.21 7.75
C LEU A 260 -8.48 -13.94 8.62
N GLN A 261 -9.67 -14.16 8.06
CA GLN A 261 -10.74 -14.90 8.73
C GLN A 261 -10.30 -16.33 9.11
N VAL A 262 -9.67 -17.02 8.16
CA VAL A 262 -9.14 -18.38 8.37
C VAL A 262 -8.12 -18.38 9.52
N ILE A 263 -7.07 -17.56 9.38
CA ILE A 263 -6.05 -17.37 10.42
C ILE A 263 -6.67 -17.12 11.80
N LYS A 264 -7.63 -16.19 11.87
CA LYS A 264 -8.30 -15.82 13.12
C LYS A 264 -9.13 -16.94 13.75
N LYS A 265 -9.42 -17.99 12.99
CA LYS A 265 -10.25 -19.09 13.47
C LYS A 265 -9.45 -20.36 13.78
N THR A 266 -8.12 -20.31 13.62
CA THR A 266 -7.26 -21.49 13.77
C THR A 266 -5.97 -21.24 14.57
N GLU A 267 -5.50 -19.99 14.57
CA GLU A 267 -4.28 -19.61 15.28
C GLU A 267 -4.59 -19.09 16.69
N THR A 268 -3.54 -18.88 17.51
CA THR A 268 -3.72 -18.41 18.90
C THR A 268 -2.75 -17.28 19.24
N MET A 270 -2.27 -13.82 14.50
CA MET A 270 -2.88 -14.40 15.70
C MET A 270 -3.34 -13.30 16.66
N SER A 271 -2.51 -12.27 16.81
CA SER A 271 -2.86 -11.05 17.54
C SER A 271 -2.71 -9.89 16.56
N LEU A 272 -3.69 -8.98 16.56
CA LEU A 272 -3.65 -7.85 15.63
C LEU A 272 -3.55 -6.48 16.32
N HIS A 273 -2.68 -5.63 15.78
CA HIS A 273 -2.52 -4.25 16.24
C HIS A 273 -3.87 -3.54 16.23
N PRO A 274 -4.11 -2.67 17.22
CA PRO A 274 -5.43 -2.05 17.29
C PRO A 274 -5.74 -0.99 16.24
N LEU A 275 -4.70 -0.38 15.64
CA LEU A 275 -4.90 0.45 14.46
C LEU A 275 -5.42 -0.40 13.29
N LEU A 276 -4.85 -1.60 13.13
CA LEU A 276 -5.35 -2.53 12.11
C LEU A 276 -6.76 -3.05 12.41
N GLN A 277 -7.00 -3.40 13.68
CA GLN A 277 -8.30 -3.89 14.14
C GLN A 277 -9.38 -2.85 13.91
N GLU A 278 -8.98 -1.59 14.00
CA GLU A 278 -9.84 -0.44 13.80
C GLU A 278 -10.23 -0.32 12.33
N ILE A 279 -9.37 -0.85 11.46
CA ILE A 279 -9.57 -0.81 10.01
C ILE A 279 -10.36 -2.05 9.52
N TYR A 280 -10.09 -3.21 10.10
CA TYR A 280 -10.77 -4.46 9.71
C TYR A 280 -12.20 -4.63 10.19
N LYS A 281 -12.50 -4.08 11.37
CA LYS A 281 -13.84 -4.10 11.97
C LYS A 281 -14.85 -3.60 10.95
N ASP A 282 -15.92 -4.38 10.75
CA ASP A 282 -17.00 -4.02 9.80
C ASP A 282 -16.48 -3.49 8.45
N LEU A 283 -15.54 -4.21 7.83
CA LEU A 283 -14.96 -3.83 6.52
C LEU A 283 -15.44 -4.75 5.37
N ARG B 2 -15.33 5.84 17.81
CA ARG B 2 -15.67 4.72 16.88
C ARG B 2 -14.46 4.25 16.08
N HIS B 3 -13.57 5.20 15.75
CA HIS B 3 -12.30 4.90 15.07
C HIS B 3 -11.18 5.79 15.66
N LYS B 4 -10.87 5.58 16.93
CA LYS B 4 -10.13 6.56 17.75
C LYS B 4 -8.72 6.85 17.26
N ILE B 5 -7.97 5.80 16.95
CA ILE B 5 -6.61 5.97 16.45
C ILE B 5 -6.55 6.71 15.11
N LEU B 6 -7.43 6.36 14.18
CA LEU B 6 -7.51 7.09 12.90
C LEU B 6 -7.86 8.57 13.10
N HIS B 7 -8.82 8.84 13.98
CA HIS B 7 -9.16 10.21 14.34
C HIS B 7 -7.90 10.96 14.79
N ARG B 8 -7.16 10.40 15.76
CA ARG B 8 -5.99 11.07 16.36
C ARG B 8 -4.84 11.19 15.35
N LEU B 9 -4.86 10.35 14.32
CA LEU B 9 -3.90 10.45 13.23
C LEU B 9 -4.27 11.58 12.27
N LEU B 10 -5.55 11.92 12.24
CA LEU B 10 -6.04 13.02 11.41
C LEU B 10 -6.00 14.38 12.12
N GLN B 11 -5.96 14.36 13.45
CA GLN B 11 -6.01 15.58 14.25
C GLN B 11 -4.75 16.42 14.15
N1 M0T C . -0.30 -5.82 5.47
N3 M0T C . 4.15 -3.92 3.71
C4 M0T C . 0.15 -6.67 4.48
C5 M0T C . 1.56 -6.47 4.13
C6 M0T C . 2.31 -7.57 3.80
C7 M0T C . 3.65 -7.45 3.46
C8 M0T C . 4.14 -6.16 3.48
C17 M0T C . 6.54 -3.45 3.13
C20 M0T C . -1.51 -7.06 7.20
C21 M0T C . -0.35 -7.76 7.44
C22 M0T C . -0.29 -8.69 8.45
C24 M0T C . -2.56 -8.24 9.00
C1 M0T C . -2.51 -3.86 5.42
O1 M0T C . -0.49 -7.54 3.92
C2 M0T C . -2.20 -4.77 6.59
N2 M0T C . 5.37 -5.66 3.21
C3 M0T C . -1.58 -6.06 6.10
C9 M0T C . 6.54 -6.38 2.80
C16 M0T C . 5.35 -4.31 3.36
C18 M0T C . 3.40 -5.06 3.79
C19 M0T C . 2.06 -5.18 4.14
C23 M0T C . -1.40 -8.94 9.24
C25 M0T C . -2.61 -7.31 7.99
C10 M0T C . 7.08 -7.28 3.85
C10 M0T C . 7.11 -7.10 3.94
C13 M0T C . 8.09 -9.00 5.74
C13 M0T C . 8.19 -8.47 6.02
C15 M0T C . 7.50 -6.78 5.05
C15 M0T C . 7.34 -8.45 3.80
CL1 M0T C . 8.73 -10.06 6.95
CL1 M0T C . 8.87 -9.34 7.32
CL2 M0T C . 8.53 -7.07 7.51
CL2 M0T C . 8.19 -10.81 4.69
C11 M0T C . 7.17 -8.63 3.59
C11 M0T C . 7.42 -6.44 5.10
C12 M0T C . 7.68 -9.49 4.53
C12 M0T C . 7.96 -7.13 6.16
C14 M0T C . 7.99 -7.65 5.99
C14 M0T C . 7.89 -9.13 4.85
#